data_6B64
#
_entry.id   6B64
#
_cell.length_a   89.530
_cell.length_b   89.530
_cell.length_c   102.136
_cell.angle_alpha   90.00
_cell.angle_beta   90.00
_cell.angle_gamma   120.00
#
_symmetry.space_group_name_H-M   'P 32'
#
loop_
_entity.id
_entity.type
_entity.pdbx_description
1 polymer Fructose-1,6-bisphosphatase/inositol-1-monophosphatase
2 non-polymer 'ASPARTIC ACID'
3 non-polymer 'SULFATE ION'
4 non-polymer 'MAGNESIUM ION'
5 water water
#
_entity_poly.entity_id   1
_entity_poly.type   'polypeptide(L)'
_entity_poly.pdbx_seq_one_letter_code
;MDERDALRISREIAGEVRKAIASMPLREAVKDVGMGKDGTPTKAADRVAEDAALEILRKERVTVVTEESGVLGEGDVFVA
LDPLDGTFNATRGIPVYSVSLCFSYSDKLKDAFFGYVYNLATGDEYYADSSGAYRNGERIEVSDAEELYCNAIIYYPDRK
FPFKRMRIFGSAATELCFFADGSFDCFLDIRPGKMLRIYDAAAGVFIAEKAGGKVTELDGESLGNKKFDMQERLNIVAAN
EKLHPKLLELIK
;
_entity_poly.pdbx_strand_id   A,B
#
# COMPACT_ATOMS: atom_id res chain seq x y z
N MET A 1 8.09 30.25 -18.66
CA MET A 1 7.82 29.60 -17.38
C MET A 1 9.08 28.92 -16.85
N ASP A 2 9.43 29.22 -15.61
CA ASP A 2 10.59 28.59 -15.02
C ASP A 2 10.21 27.69 -13.83
N GLU A 3 11.23 27.08 -13.23
CA GLU A 3 11.04 26.10 -12.18
C GLU A 3 10.41 26.65 -10.89
N ARG A 4 10.45 27.98 -10.70
CA ARG A 4 9.75 28.55 -9.55
C ARG A 4 8.27 28.77 -9.89
N ASP A 5 7.99 29.10 -11.14
CA ASP A 5 6.63 29.28 -11.59
C ASP A 5 5.90 27.96 -11.44
N ALA A 6 6.56 26.89 -11.90
CA ALA A 6 5.97 25.56 -11.88
C ALA A 6 5.60 25.16 -10.45
N LEU A 7 6.54 25.33 -9.51
CA LEU A 7 6.25 25.10 -8.08
C LEU A 7 4.98 25.81 -7.61
N ARG A 8 4.90 27.11 -7.90
CA ARG A 8 3.75 27.89 -7.49
C ARG A 8 2.44 27.33 -8.06
N ILE A 9 2.47 26.97 -9.34
CA ILE A 9 1.30 26.46 -10.05
C ILE A 9 0.90 25.06 -9.58
N SER A 10 1.90 24.21 -9.38
CA SER A 10 1.66 22.87 -8.88
C SER A 10 0.99 22.88 -7.50
N ARG A 11 1.51 23.67 -6.57
CA ARG A 11 0.91 23.80 -5.23
C ARG A 11 -0.53 24.29 -5.29
N GLU A 12 -0.80 25.21 -6.20
CA GLU A 12 -2.13 25.74 -6.32
C GLU A 12 -3.04 24.60 -6.77
N ILE A 13 -2.53 23.79 -7.68
CA ILE A 13 -3.27 22.68 -8.25
C ILE A 13 -3.55 21.61 -7.20
N ALA A 14 -2.53 21.27 -6.42
CA ALA A 14 -2.68 20.27 -5.38
C ALA A 14 -3.80 20.66 -4.41
N GLY A 15 -3.78 21.93 -3.99
CA GLY A 15 -4.75 22.43 -3.04
C GLY A 15 -6.17 22.28 -3.57
N GLU A 16 -6.35 22.56 -4.85
CA GLU A 16 -7.67 22.52 -5.45
C GLU A 16 -8.15 21.09 -5.70
N VAL A 17 -7.23 20.22 -6.07
CA VAL A 17 -7.55 18.83 -6.29
C VAL A 17 -7.98 18.18 -4.98
N ARG A 18 -7.22 18.43 -3.91
CA ARG A 18 -7.56 17.90 -2.59
C ARG A 18 -8.96 18.36 -2.17
N LYS A 19 -9.21 19.65 -2.35
CA LYS A 19 -10.52 20.23 -2.04
C LYS A 19 -11.63 19.51 -2.80
N ALA A 20 -11.47 19.42 -4.12
CA ALA A 20 -12.46 18.78 -4.97
C ALA A 20 -12.71 17.32 -4.55
N ILE A 21 -11.65 16.53 -4.42
CA ILE A 21 -11.78 15.12 -4.09
C ILE A 21 -12.44 14.92 -2.74
N ALA A 22 -11.88 15.56 -1.72
CA ALA A 22 -12.34 15.39 -0.35
C ALA A 22 -13.82 15.75 -0.16
N SER A 23 -14.34 16.61 -1.04
CA SER A 23 -15.73 17.02 -0.95
C SER A 23 -16.69 16.02 -1.59
N MET A 24 -16.18 14.80 -1.84
CA MET A 24 -16.95 13.76 -2.52
C MET A 24 -16.97 12.48 -1.69
N PRO A 25 -18.15 11.90 -1.49
CA PRO A 25 -18.30 10.65 -0.73
C PRO A 25 -17.78 9.47 -1.55
N LEU A 26 -17.22 8.45 -0.90
CA LEU A 26 -16.72 7.28 -1.61
C LEU A 26 -17.71 6.69 -2.63
N ARG A 27 -18.98 6.61 -2.26
CA ARG A 27 -19.99 5.98 -3.13
C ARG A 27 -20.21 6.77 -4.42
N GLU A 28 -20.02 8.08 -4.38
CA GLU A 28 -20.16 8.88 -5.58
C GLU A 28 -18.83 8.86 -6.34
N ALA A 29 -17.75 8.81 -5.57
CA ALA A 29 -16.39 8.91 -6.10
C ALA A 29 -16.04 7.74 -7.00
N VAL A 30 -16.51 6.56 -6.60
CA VAL A 30 -16.14 5.31 -7.23
C VAL A 30 -16.83 5.10 -8.60
N LYS A 31 -17.84 5.91 -8.91
CA LYS A 31 -18.63 5.68 -10.12
C LYS A 31 -17.89 5.97 -11.43
N ASP A 32 -18.06 5.07 -12.39
CA ASP A 32 -17.66 5.32 -13.78
C ASP A 32 -18.56 6.41 -14.37
N VAL A 33 -17.95 7.48 -14.91
CA VAL A 33 -18.73 8.59 -15.47
C VAL A 33 -18.53 8.81 -16.97
N GLY A 34 -17.56 8.11 -17.56
CA GLY A 34 -17.18 8.35 -18.94
C GLY A 34 -16.01 7.50 -19.39
N MET A 35 -15.64 7.64 -20.65
CA MET A 35 -14.47 6.94 -21.17
C MET A 35 -13.33 7.93 -21.25
N GLY A 36 -12.18 7.57 -20.68
CA GLY A 36 -11.05 8.47 -20.72
C GLY A 36 -10.46 8.45 -22.12
N LYS A 37 -9.78 9.53 -22.49
CA LYS A 37 -9.06 9.58 -23.76
C LYS A 37 -7.88 8.63 -23.73
N ASP A 38 -7.61 8.08 -22.56
CA ASP A 38 -6.52 7.10 -22.41
C ASP A 38 -7.00 5.70 -22.76
N GLY A 39 -8.32 5.48 -22.81
CA GLY A 39 -8.88 4.18 -23.06
C GLY A 39 -9.37 3.42 -21.83
N THR A 40 -9.25 4.02 -20.65
CA THR A 40 -9.80 3.45 -19.42
C THR A 40 -10.92 4.35 -18.87
N PRO A 41 -11.85 3.75 -18.12
CA PRO A 41 -12.94 4.59 -17.62
C PRO A 41 -12.41 5.74 -16.76
N THR A 42 -13.11 6.86 -16.79
CA THR A 42 -12.85 7.95 -15.91
C THR A 42 -13.85 7.81 -14.79
N LYS A 43 -13.35 7.64 -13.56
CA LYS A 43 -14.22 7.69 -12.39
C LYS A 43 -14.59 9.14 -12.06
N ALA A 44 -15.74 9.32 -11.39
CA ALA A 44 -16.13 10.61 -10.83
C ALA A 44 -14.97 11.36 -10.14
N ALA A 45 -14.23 10.63 -9.32
CA ALA A 45 -13.08 11.19 -8.62
C ALA A 45 -12.03 11.70 -9.61
N ASP A 46 -11.83 10.97 -10.71
CA ASP A 46 -10.84 11.35 -11.71
C ASP A 46 -11.29 12.65 -12.36
N ARG A 47 -12.60 12.73 -12.63
CA ARG A 47 -13.17 13.88 -13.32
C ARG A 47 -13.08 15.16 -12.50
N VAL A 48 -13.46 15.07 -11.23
CA VAL A 48 -13.41 16.28 -10.40
C VAL A 48 -11.98 16.76 -10.15
N ALA A 49 -11.05 15.82 -10.00
CA ALA A 49 -9.63 16.20 -9.89
C ALA A 49 -9.14 16.89 -11.14
N GLU A 50 -9.39 16.30 -12.32
CA GLU A 50 -8.94 16.88 -13.58
C GLU A 50 -9.50 18.28 -13.83
N ASP A 51 -10.80 18.45 -13.56
CA ASP A 51 -11.45 19.75 -13.70
C ASP A 51 -10.77 20.85 -12.88
N ALA A 52 -10.53 20.55 -11.61
CA ALA A 52 -9.84 21.48 -10.75
C ALA A 52 -8.45 21.84 -11.30
N ALA A 53 -7.72 20.83 -11.77
CA ALA A 53 -6.38 21.06 -12.30
C ALA A 53 -6.42 21.87 -13.60
N LEU A 54 -7.35 21.52 -14.48
CA LEU A 54 -7.43 22.16 -15.77
C LEU A 54 -7.86 23.62 -15.67
N GLU A 55 -8.62 23.96 -14.63
CA GLU A 55 -9.03 25.35 -14.45
C GLU A 55 -7.81 26.24 -14.24
N ILE A 56 -6.81 25.69 -13.56
CA ILE A 56 -5.60 26.41 -13.21
C ILE A 56 -4.57 26.37 -14.34
N LEU A 57 -4.57 25.28 -15.10
CA LEU A 57 -3.58 25.10 -16.16
C LEU A 57 -3.98 25.81 -17.46
N ARG A 58 -5.29 25.96 -17.69
CA ARG A 58 -5.79 26.59 -18.91
C ARG A 58 -5.35 28.05 -18.98
N LYS A 59 -4.92 28.57 -17.84
CA LYS A 59 -4.50 29.95 -17.76
C LYS A 59 -2.99 30.12 -18.00
N GLU A 60 -2.36 29.10 -18.56
CA GLU A 60 -0.92 29.17 -18.86
C GLU A 60 -0.66 28.77 -20.32
N ARG A 61 0.46 29.26 -20.87
CA ARG A 61 0.83 28.93 -22.24
C ARG A 61 1.45 27.55 -22.24
N VAL A 62 0.61 26.52 -22.08
CA VAL A 62 1.11 25.17 -21.99
C VAL A 62 0.33 24.23 -22.88
N THR A 63 0.95 23.10 -23.18
CA THR A 63 0.20 21.99 -23.74
C THR A 63 0.12 20.94 -22.66
N VAL A 64 -1.11 20.57 -22.32
CA VAL A 64 -1.39 19.60 -21.26
C VAL A 64 -1.70 18.22 -21.87
N VAL A 65 -0.92 17.22 -21.47
CA VAL A 65 -1.28 15.85 -21.79
C VAL A 65 -1.77 15.20 -20.50
N THR A 66 -3.07 15.03 -20.41
CA THR A 66 -3.69 14.57 -19.18
C THR A 66 -4.49 13.30 -19.45
N GLU A 67 -4.59 12.45 -18.44
CA GLU A 67 -5.15 11.13 -18.60
C GLU A 67 -6.59 11.06 -19.10
N GLU A 68 -7.51 11.78 -18.49
CA GLU A 68 -8.91 11.61 -18.88
C GLU A 68 -9.28 12.38 -20.16
N SER A 69 -8.70 13.56 -20.33
CA SER A 69 -9.08 14.44 -21.44
C SER A 69 -8.07 14.51 -22.58
N GLY A 70 -6.95 13.80 -22.46
CA GLY A 70 -6.01 13.75 -23.56
C GLY A 70 -5.21 15.02 -23.72
N VAL A 71 -4.85 15.35 -24.96
CA VAL A 71 -4.00 16.50 -25.23
C VAL A 71 -4.84 17.77 -25.38
N LEU A 72 -4.35 18.87 -24.79
CA LEU A 72 -5.06 20.16 -24.73
C LEU A 72 -4.11 21.35 -24.72
N GLY A 73 -4.49 22.43 -25.41
CA GLY A 73 -3.71 23.66 -25.42
C GLY A 73 -2.60 23.60 -26.47
N GLU A 74 -1.87 24.70 -26.64
CA GLU A 74 -0.87 24.76 -27.71
C GLU A 74 0.51 25.26 -27.30
N GLY A 75 0.68 25.60 -26.02
CA GLY A 75 1.93 26.17 -25.55
C GLY A 75 3.17 25.34 -25.86
N ASP A 76 4.34 25.91 -25.62
CA ASP A 76 5.58 25.20 -25.92
C ASP A 76 6.08 24.46 -24.69
N VAL A 77 5.61 24.87 -23.53
CA VAL A 77 5.82 24.07 -22.32
C VAL A 77 4.81 22.93 -22.29
N PHE A 78 5.30 21.71 -22.12
CA PHE A 78 4.42 20.57 -22.07
C PHE A 78 4.26 20.09 -20.63
N VAL A 79 3.03 19.72 -20.27
CA VAL A 79 2.76 19.25 -18.90
C VAL A 79 2.11 17.88 -18.93
N ALA A 80 2.78 16.89 -18.36
CA ALA A 80 2.16 15.58 -18.19
C ALA A 80 1.38 15.58 -16.89
N LEU A 81 0.07 15.50 -16.99
CA LEU A 81 -0.77 15.56 -15.80
C LEU A 81 -1.52 14.27 -15.55
N ASP A 82 -1.26 13.66 -14.40
CA ASP A 82 -2.12 12.62 -13.87
C ASP A 82 -2.95 13.25 -12.76
N PRO A 83 -4.21 13.57 -13.05
CA PRO A 83 -5.03 14.33 -12.11
C PRO A 83 -5.29 13.52 -10.84
N LEU A 84 -5.32 12.21 -11.00
CA LEU A 84 -5.48 11.30 -9.88
C LEU A 84 -4.87 9.97 -10.26
N ASP A 85 -3.71 9.70 -9.69
CA ASP A 85 -2.98 8.45 -9.89
C ASP A 85 -3.13 7.62 -8.61
N GLY A 86 -3.69 6.41 -8.74
CA GLY A 86 -4.09 5.62 -7.60
C GLY A 86 -5.59 5.68 -7.37
N THR A 87 -6.34 5.86 -8.45
CA THR A 87 -7.78 5.99 -8.37
C THR A 87 -8.46 4.77 -7.71
N PHE A 88 -8.04 3.58 -8.11
CA PHE A 88 -8.48 2.37 -7.44
C PHE A 88 -8.34 2.46 -5.92
N ASN A 89 -7.14 2.83 -5.45
CA ASN A 89 -6.95 3.09 -4.01
C ASN A 89 -7.92 4.13 -3.45
N ALA A 90 -7.98 5.28 -4.11
CA ALA A 90 -8.81 6.39 -3.63
C ALA A 90 -10.27 5.98 -3.46
N THR A 91 -10.83 5.31 -4.45
CA THR A 91 -12.22 4.88 -4.35
C THR A 91 -12.45 3.86 -3.22
N ARG A 92 -11.37 3.22 -2.75
CA ARG A 92 -11.48 2.26 -1.67
C ARG A 92 -11.08 2.82 -0.32
N GLY A 93 -10.84 4.13 -0.22
CA GLY A 93 -10.36 4.72 1.01
C GLY A 93 -8.95 4.29 1.41
N ILE A 94 -8.18 3.77 0.44
CA ILE A 94 -6.80 3.38 0.68
C ILE A 94 -5.84 4.54 0.37
N PRO A 95 -5.15 5.03 1.41
CA PRO A 95 -4.47 6.33 1.37
C PRO A 95 -3.12 6.38 0.63
N VAL A 96 -3.09 5.85 -0.58
CA VAL A 96 -1.91 5.95 -1.42
C VAL A 96 -2.34 6.39 -2.81
N TYR A 97 -2.42 7.71 -3.00
CA TYR A 97 -2.75 8.27 -4.31
C TYR A 97 -2.36 9.73 -4.36
N SER A 98 -2.16 10.24 -5.56
CA SER A 98 -1.57 11.56 -5.71
C SER A 98 -2.01 12.20 -7.00
N VAL A 99 -1.72 13.49 -7.11
CA VAL A 99 -1.79 14.17 -8.38
C VAL A 99 -0.34 14.36 -8.82
N SER A 100 -0.07 14.08 -10.09
CA SER A 100 1.29 14.10 -10.62
C SER A 100 1.40 15.12 -11.77
N LEU A 101 2.45 15.92 -11.75
CA LEU A 101 2.76 16.87 -12.83
C LEU A 101 4.24 16.91 -13.17
N CYS A 102 4.55 16.71 -14.45
CA CYS A 102 5.89 16.96 -14.95
C CYS A 102 5.79 18.05 -16.02
N PHE A 103 6.67 19.05 -15.92
CA PHE A 103 6.68 20.17 -16.86
C PHE A 103 7.89 20.00 -17.74
N SER A 104 7.72 20.19 -19.04
CA SER A 104 8.85 20.09 -19.96
C SER A 104 8.86 21.20 -21.02
N TYR A 105 10.06 21.55 -21.48
CA TYR A 105 10.24 22.59 -22.48
C TYR A 105 10.07 22.06 -23.90
N SER A 106 9.84 20.76 -24.02
CA SER A 106 9.46 20.15 -25.29
C SER A 106 8.52 19.00 -25.00
N ASP A 107 8.03 18.34 -26.03
CA ASP A 107 7.16 17.18 -25.86
C ASP A 107 7.94 15.89 -25.53
N LYS A 108 9.22 16.04 -25.20
CA LYS A 108 10.08 14.90 -24.86
C LYS A 108 10.57 14.99 -23.41
N LEU A 109 10.69 13.85 -22.75
CA LEU A 109 11.04 13.83 -21.33
C LEU A 109 12.43 14.41 -21.04
N LYS A 110 13.31 14.42 -22.02
CA LYS A 110 14.68 14.90 -21.83
C LYS A 110 14.74 16.39 -21.50
N ASP A 111 13.65 17.10 -21.79
CA ASP A 111 13.59 18.54 -21.55
C ASP A 111 12.72 18.93 -20.37
N ALA A 112 12.55 17.99 -19.43
CA ALA A 112 11.76 18.22 -18.23
C ALA A 112 12.49 19.20 -17.32
N PHE A 113 11.75 20.12 -16.70
CA PHE A 113 12.41 21.08 -15.82
C PHE A 113 11.84 21.12 -14.41
N PHE A 114 10.68 20.49 -14.21
CA PHE A 114 10.06 20.43 -12.90
C PHE A 114 9.18 19.18 -12.74
N GLY A 115 9.28 18.55 -11.58
CA GLY A 115 8.53 17.35 -11.29
C GLY A 115 7.82 17.51 -9.97
N TYR A 116 6.58 17.05 -9.89
CA TYR A 116 5.74 17.30 -8.72
C TYR A 116 4.72 16.17 -8.47
N VAL A 117 4.74 15.64 -7.27
CA VAL A 117 3.80 14.61 -6.86
C VAL A 117 3.31 14.95 -5.46
N TYR A 118 2.00 15.11 -5.34
CA TYR A 118 1.39 15.47 -4.08
C TYR A 118 0.44 14.37 -3.65
N ASN A 119 0.78 13.67 -2.57
CA ASN A 119 -0.11 12.68 -1.99
C ASN A 119 -1.38 13.32 -1.45
N LEU A 120 -2.51 12.98 -2.05
CA LEU A 120 -3.77 13.61 -1.73
C LEU A 120 -4.37 13.08 -0.43
N ALA A 121 -3.82 11.98 0.05
CA ALA A 121 -4.38 11.33 1.22
C ALA A 121 -3.63 11.73 2.48
N THR A 122 -2.33 11.96 2.34
CA THR A 122 -1.47 12.28 3.48
C THR A 122 -0.98 13.71 3.46
N GLY A 123 -1.11 14.40 2.33
CA GLY A 123 -0.54 15.73 2.21
C GLY A 123 0.97 15.81 2.03
N ASP A 124 1.66 14.68 1.95
CA ASP A 124 3.10 14.74 1.64
C ASP A 124 3.35 15.39 0.27
N GLU A 125 4.35 16.25 0.21
CA GLU A 125 4.65 16.92 -1.03
C GLU A 125 6.03 16.55 -1.54
N TYR A 126 6.08 15.96 -2.72
CA TYR A 126 7.34 15.70 -3.40
C TYR A 126 7.51 16.57 -4.64
N TYR A 127 8.66 17.26 -4.75
CA TYR A 127 9.01 17.91 -6.01
C TYR A 127 10.52 17.93 -6.21
N ALA A 128 10.93 18.26 -7.42
CA ALA A 128 12.34 18.35 -7.72
C ALA A 128 12.56 19.41 -8.78
N ASP A 129 13.55 20.27 -8.56
CA ASP A 129 13.97 21.23 -9.58
C ASP A 129 15.50 21.19 -9.68
N SER A 130 16.10 22.25 -10.20
CA SER A 130 17.55 22.28 -10.40
C SER A 130 18.33 22.16 -9.11
N SER A 131 17.72 22.55 -7.99
CA SER A 131 18.42 22.46 -6.71
C SER A 131 18.41 21.06 -6.11
N GLY A 132 17.55 20.18 -6.62
CA GLY A 132 17.45 18.83 -6.07
C GLY A 132 16.03 18.35 -5.82
N ALA A 133 15.90 17.29 -5.03
CA ALA A 133 14.61 16.66 -4.77
C ALA A 133 14.12 16.91 -3.34
N TYR A 134 12.85 17.24 -3.18
CA TYR A 134 12.32 17.54 -1.86
C TYR A 134 11.12 16.68 -1.44
N ARG A 135 11.07 16.30 -0.17
CA ARG A 135 9.82 15.82 0.45
C ARG A 135 9.47 16.81 1.55
N ASN A 136 8.32 17.46 1.41
CA ASN A 136 7.84 18.40 2.41
C ASN A 136 8.91 19.41 2.84
N GLY A 137 9.55 20.05 1.87
CA GLY A 137 10.60 21.00 2.17
C GLY A 137 11.98 20.41 2.32
N GLU A 138 12.07 19.20 2.88
CA GLU A 138 13.36 18.55 3.13
C GLU A 138 14.00 17.86 1.90
N ARG A 139 15.29 18.13 1.66
CA ARG A 139 16.06 17.44 0.63
C ARG A 139 16.05 15.93 0.82
N ILE A 140 15.90 15.18 -0.26
CA ILE A 140 15.88 13.72 -0.20
C ILE A 140 16.91 13.11 -1.13
N GLU A 141 17.16 11.81 -0.98
CA GLU A 141 18.01 11.11 -1.92
C GLU A 141 17.79 9.61 -1.85
N VAL A 142 18.01 8.95 -2.97
CA VAL A 142 17.88 7.50 -3.03
C VAL A 142 18.83 6.79 -2.06
N SER A 143 18.49 5.56 -1.69
CA SER A 143 19.29 4.77 -0.78
C SER A 143 20.61 4.34 -1.43
N ASP A 144 21.53 3.84 -0.60
CA ASP A 144 22.88 3.47 -1.04
C ASP A 144 23.02 1.98 -1.33
N ALA A 145 21.94 1.24 -1.09
CA ALA A 145 21.92 -0.21 -1.18
C ALA A 145 22.56 -0.76 -2.44
N GLU A 146 23.37 -1.80 -2.29
CA GLU A 146 24.11 -2.37 -3.41
C GLU A 146 23.68 -3.78 -3.74
N GLU A 147 22.92 -4.40 -2.83
CA GLU A 147 22.60 -5.80 -2.98
C GLU A 147 21.20 -5.99 -3.50
N LEU A 148 21.01 -7.04 -4.28
CA LEU A 148 19.69 -7.43 -4.74
C LEU A 148 18.78 -7.74 -3.56
N TYR A 149 19.37 -8.27 -2.48
CA TYR A 149 18.60 -8.50 -1.27
C TYR A 149 18.20 -7.18 -0.65
N CYS A 150 17.19 -6.54 -1.23
CA CYS A 150 16.84 -5.18 -0.83
C CYS A 150 15.32 -4.96 -0.85
N ASN A 151 14.91 -3.71 -0.63
CA ASN A 151 13.50 -3.36 -0.60
C ASN A 151 13.03 -2.84 -1.94
N ALA A 152 12.09 -3.57 -2.53
CA ALA A 152 11.73 -3.35 -3.91
C ALA A 152 10.25 -3.07 -4.11
N ILE A 153 9.95 -2.09 -4.95
CA ILE A 153 8.62 -1.95 -5.51
C ILE A 153 8.70 -2.49 -6.92
N ILE A 154 7.90 -3.49 -7.23
CA ILE A 154 8.00 -4.15 -8.51
C ILE A 154 6.66 -4.58 -9.12
N TYR A 155 6.39 -4.07 -10.31
CA TYR A 155 5.26 -4.53 -11.12
C TYR A 155 5.79 -5.37 -12.28
N TYR A 156 5.47 -6.66 -12.35
CA TYR A 156 4.91 -7.46 -11.28
C TYR A 156 5.90 -8.59 -11.11
N PRO A 157 6.01 -9.13 -9.89
CA PRO A 157 6.82 -10.34 -9.65
C PRO A 157 6.26 -11.51 -10.47
N ASP A 158 7.05 -12.07 -11.38
CA ASP A 158 6.55 -13.20 -12.20
C ASP A 158 7.45 -14.43 -12.12
N ARG A 159 8.36 -14.41 -11.17
CA ARG A 159 9.23 -15.55 -10.91
C ARG A 159 9.77 -15.35 -9.52
N LYS A 160 10.56 -16.31 -9.04
CA LYS A 160 11.22 -16.15 -7.76
CA LYS A 160 11.24 -16.18 -7.76
C LYS A 160 12.29 -15.07 -7.90
N PHE A 161 12.39 -14.22 -6.88
CA PHE A 161 13.29 -13.08 -6.90
C PHE A 161 14.13 -13.02 -5.62
N PRO A 162 15.19 -12.22 -5.62
CA PRO A 162 16.06 -12.23 -4.43
C PRO A 162 15.79 -11.12 -3.40
N PHE A 163 14.75 -10.32 -3.59
CA PHE A 163 14.52 -9.15 -2.72
C PHE A 163 14.19 -9.48 -1.27
N LYS A 164 14.59 -8.59 -0.38
CA LYS A 164 14.22 -8.69 1.04
C LYS A 164 12.71 -8.53 1.17
N ARG A 165 12.15 -7.49 0.56
CA ARG A 165 10.71 -7.31 0.51
C ARG A 165 10.26 -6.89 -0.89
N MET A 166 9.02 -7.21 -1.21
CA MET A 166 8.38 -6.71 -2.43
C MET A 166 7.09 -5.99 -2.05
N ARG A 167 6.88 -4.81 -2.62
CA ARG A 167 5.68 -4.02 -2.36
C ARG A 167 5.04 -3.57 -3.66
N ILE A 168 3.71 -3.50 -3.66
CA ILE A 168 2.95 -2.97 -4.79
C ILE A 168 1.76 -2.16 -4.26
N PHE A 169 1.87 -0.85 -4.31
CA PHE A 169 0.88 -0.01 -3.64
C PHE A 169 -0.21 0.47 -4.56
N GLY A 170 0.04 0.43 -5.86
CA GLY A 170 -0.96 0.84 -6.83
C GLY A 170 -0.95 2.30 -7.24
N SER A 171 0.18 2.99 -7.04
CA SER A 171 0.36 4.35 -7.56
C SER A 171 1.82 4.67 -7.89
N ALA A 172 2.21 4.44 -9.15
CA ALA A 172 3.59 4.62 -9.57
C ALA A 172 4.15 6.03 -9.35
N ALA A 173 3.32 7.06 -9.50
CA ALA A 173 3.75 8.41 -9.17
C ALA A 173 4.32 8.46 -7.75
N THR A 174 3.51 8.03 -6.79
CA THR A 174 3.90 8.05 -5.38
C THR A 174 5.04 7.05 -5.12
N GLU A 175 4.92 5.87 -5.70
CA GLU A 175 5.92 4.84 -5.48
C GLU A 175 7.32 5.25 -6.00
N LEU A 176 7.36 5.93 -7.15
CA LEU A 176 8.62 6.50 -7.65
C LEU A 176 9.23 7.47 -6.63
N CYS A 177 8.39 8.19 -5.90
CA CYS A 177 8.90 9.07 -4.83
C CYS A 177 9.37 8.29 -3.60
N PHE A 178 8.67 7.21 -3.26
CA PHE A 178 9.11 6.29 -2.19
C PHE A 178 10.52 5.82 -2.48
N PHE A 179 10.81 5.60 -3.77
CA PHE A 179 12.16 5.24 -4.19
C PHE A 179 13.08 6.46 -4.12
N ALA A 180 12.57 7.61 -4.56
CA ALA A 180 13.36 8.82 -4.60
C ALA A 180 13.86 9.23 -3.21
N ASP A 181 13.07 9.01 -2.18
CA ASP A 181 13.48 9.41 -0.83
C ASP A 181 14.18 8.32 -0.03
N GLY A 182 14.46 7.20 -0.69
CA GLY A 182 15.16 6.10 -0.06
C GLY A 182 14.32 5.09 0.72
N SER A 183 13.02 5.32 0.84
CA SER A 183 12.14 4.39 1.56
C SER A 183 12.18 3.00 0.98
N PHE A 184 12.27 2.93 -0.34
CA PHE A 184 12.54 1.68 -1.02
C PHE A 184 13.84 1.82 -1.81
N ASP A 185 14.52 0.70 -2.01
CA ASP A 185 15.84 0.70 -2.66
C ASP A 185 15.76 0.73 -4.19
N CYS A 186 14.61 0.33 -4.73
CA CYS A 186 14.45 0.33 -6.17
C CYS A 186 12.99 0.34 -6.61
N PHE A 187 12.76 0.70 -7.86
CA PHE A 187 11.43 0.66 -8.42
C PHE A 187 11.50 -0.01 -9.78
N LEU A 188 10.59 -0.96 -10.01
CA LEU A 188 10.59 -1.70 -11.27
C LEU A 188 9.18 -1.82 -11.83
N ASP A 189 8.98 -1.31 -13.05
CA ASP A 189 7.81 -1.72 -13.78
C ASP A 189 8.26 -2.46 -15.02
N ILE A 190 8.14 -3.78 -14.96
CA ILE A 190 8.64 -4.64 -16.02
C ILE A 190 7.51 -5.41 -16.71
N ARG A 191 6.27 -4.95 -16.56
CA ARG A 191 5.13 -5.60 -17.21
C ARG A 191 5.31 -5.69 -18.72
N PRO A 192 5.17 -6.91 -19.27
CA PRO A 192 5.31 -7.22 -20.70
C PRO A 192 4.47 -6.29 -21.55
N GLY A 193 3.27 -5.97 -21.09
CA GLY A 193 2.38 -5.11 -21.84
C GLY A 193 2.81 -3.66 -22.00
N LYS A 194 3.86 -3.25 -21.25
CA LYS A 194 4.30 -1.86 -21.21
C LYS A 194 3.12 -0.94 -20.91
N MET A 195 2.66 -0.94 -19.65
CA MET A 195 1.38 -0.32 -19.26
C MET A 195 1.45 1.14 -18.82
N LEU A 196 2.54 1.56 -18.19
CA LEU A 196 2.66 2.92 -17.68
C LEU A 196 2.50 3.96 -18.78
N ARG A 197 1.75 5.02 -18.48
CA ARG A 197 1.57 6.09 -19.45
C ARG A 197 2.48 7.26 -19.03
N ILE A 198 2.66 8.23 -19.91
CA ILE A 198 3.65 9.28 -19.66
C ILE A 198 3.35 10.04 -18.35
N TYR A 199 2.08 10.26 -18.05
CA TYR A 199 1.71 11.05 -16.88
C TYR A 199 1.75 10.24 -15.58
N ASP A 200 1.76 8.91 -15.70
CA ASP A 200 1.97 8.04 -14.56
C ASP A 200 3.38 8.21 -14.00
N ALA A 201 4.36 8.38 -14.89
CA ALA A 201 5.75 8.18 -14.50
C ALA A 201 6.67 9.41 -14.57
N ALA A 202 6.35 10.35 -15.46
CA ALA A 202 7.23 11.50 -15.76
C ALA A 202 7.77 12.24 -14.54
N ALA A 203 6.86 12.74 -13.71
CA ALA A 203 7.22 13.45 -12.48
C ALA A 203 8.10 12.58 -11.58
N GLY A 204 7.63 11.37 -11.31
CA GLY A 204 8.34 10.49 -10.40
C GLY A 204 9.74 10.16 -10.89
N VAL A 205 9.87 9.96 -12.20
CA VAL A 205 11.17 9.73 -12.81
C VAL A 205 12.06 10.94 -12.60
N PHE A 206 11.50 12.12 -12.86
CA PHE A 206 12.25 13.35 -12.73
C PHE A 206 12.77 13.55 -11.30
N ILE A 207 11.85 13.45 -10.35
CA ILE A 207 12.20 13.56 -8.94
C ILE A 207 13.24 12.51 -8.55
N ALA A 208 13.05 11.28 -8.99
CA ALA A 208 13.97 10.21 -8.63
C ALA A 208 15.38 10.43 -9.19
N GLU A 209 15.46 11.10 -10.33
CA GLU A 209 16.76 11.34 -10.92
C GLU A 209 17.45 12.43 -10.11
N LYS A 210 16.71 13.50 -9.82
CA LYS A 210 17.25 14.58 -9.02
C LYS A 210 17.69 14.10 -7.66
N ALA A 211 17.10 13.00 -7.22
CA ALA A 211 17.44 12.41 -5.92
C ALA A 211 18.64 11.47 -6.01
N GLY A 212 19.17 11.29 -7.22
CA GLY A 212 20.36 10.49 -7.40
C GLY A 212 20.12 9.13 -8.03
N GLY A 213 18.88 8.85 -8.38
CA GLY A 213 18.57 7.54 -8.91
C GLY A 213 18.90 7.43 -10.38
N LYS A 214 19.38 6.28 -10.79
CA LYS A 214 19.48 5.99 -12.21
C LYS A 214 18.16 5.37 -12.67
N VAL A 215 17.53 6.01 -13.65
CA VAL A 215 16.21 5.58 -14.12
C VAL A 215 16.16 5.38 -15.63
N THR A 216 15.91 4.13 -16.06
CA THR A 216 15.93 3.78 -17.47
C THR A 216 14.74 2.93 -17.91
N GLU A 217 14.71 2.60 -19.20
CA GLU A 217 13.81 1.57 -19.71
C GLU A 217 14.36 0.20 -19.38
N LEU A 218 13.72 -0.84 -19.92
CA LEU A 218 14.01 -2.22 -19.55
C LEU A 218 15.45 -2.65 -19.82
N ASP A 219 15.99 -2.16 -20.95
CA ASP A 219 17.29 -2.58 -21.44
C ASP A 219 18.38 -1.58 -21.06
N GLY A 220 18.06 -0.70 -20.11
CA GLY A 220 19.01 0.30 -19.68
C GLY A 220 19.02 1.53 -20.56
N GLU A 221 18.17 1.54 -21.58
CA GLU A 221 18.10 2.71 -22.47
C GLU A 221 17.55 3.94 -21.76
N SER A 222 18.00 5.11 -22.20
CA SER A 222 17.53 6.40 -21.69
C SER A 222 16.02 6.55 -21.84
N LEU A 223 15.44 7.37 -20.97
CA LEU A 223 14.02 7.67 -21.02
C LEU A 223 13.83 9.01 -21.71
N GLY A 224 14.95 9.67 -21.97
CA GLY A 224 14.95 11.02 -22.53
C GLY A 224 14.04 11.26 -23.73
N ASN A 225 13.93 10.24 -24.58
CA ASN A 225 13.13 10.39 -25.79
C ASN A 225 11.67 10.04 -25.64
N LYS A 226 11.26 9.68 -24.42
CA LYS A 226 9.88 9.34 -24.14
C LYS A 226 9.03 10.58 -24.38
N LYS A 227 7.96 10.40 -25.12
CA LYS A 227 7.17 11.53 -25.60
CA LYS A 227 7.16 11.52 -25.61
C LYS A 227 5.97 11.83 -24.69
N PHE A 228 5.60 13.10 -24.62
CA PHE A 228 4.45 13.54 -23.86
C PHE A 228 3.19 13.44 -24.71
N ASP A 229 2.82 12.22 -25.10
CA ASP A 229 1.56 12.01 -25.82
C ASP A 229 0.78 10.87 -25.16
N MET A 230 -0.45 10.62 -25.62
CA MET A 230 -1.26 9.54 -25.07
C MET A 230 -0.74 8.17 -25.49
N GLN A 231 0.03 8.13 -26.56
CA GLN A 231 0.48 6.86 -27.11
C GLN A 231 1.67 6.31 -26.35
N GLU A 232 2.39 7.17 -25.64
CA GLU A 232 3.62 6.73 -24.98
C GLU A 232 3.38 5.64 -23.91
N ARG A 233 4.31 4.71 -23.83
CA ARG A 233 4.22 3.66 -22.83
C ARG A 233 5.61 3.44 -22.28
N LEU A 234 5.69 2.99 -21.02
CA LEU A 234 6.99 2.86 -20.38
C LEU A 234 7.15 1.62 -19.56
N ASN A 235 8.34 1.05 -19.59
CA ASN A 235 8.80 0.14 -18.56
C ASN A 235 9.90 0.88 -17.83
N ILE A 236 10.07 0.60 -16.54
CA ILE A 236 11.03 1.34 -15.75
C ILE A 236 11.88 0.44 -14.88
N VAL A 237 13.19 0.71 -14.89
CA VAL A 237 14.10 0.20 -13.87
C VAL A 237 14.80 1.38 -13.20
N ALA A 238 14.54 1.58 -11.91
CA ALA A 238 15.18 2.68 -11.17
C ALA A 238 15.96 2.18 -9.96
N ALA A 239 17.19 2.67 -9.80
CA ALA A 239 18.01 2.37 -8.63
C ALA A 239 19.20 3.31 -8.56
N ASN A 240 19.93 3.30 -7.45
CA ASN A 240 21.21 4.01 -7.41
C ASN A 240 22.13 3.36 -8.44
N GLU A 241 23.20 4.07 -8.79
CA GLU A 241 24.13 3.61 -9.83
CA GLU A 241 24.13 3.61 -9.82
C GLU A 241 24.72 2.21 -9.55
N LYS A 242 24.96 1.90 -8.29
CA LYS A 242 25.54 0.61 -7.92
C LYS A 242 24.56 -0.54 -8.09
N LEU A 243 23.32 -0.34 -7.65
CA LEU A 243 22.33 -1.41 -7.69
C LEU A 243 21.75 -1.59 -9.10
N HIS A 244 21.62 -0.49 -9.83
CA HIS A 244 20.94 -0.51 -11.12
C HIS A 244 21.36 -1.60 -12.12
N PRO A 245 22.66 -1.74 -12.38
CA PRO A 245 23.06 -2.77 -13.36
C PRO A 245 22.77 -4.20 -12.89
N LYS A 246 22.87 -4.44 -11.58
CA LYS A 246 22.55 -5.76 -11.06
C LYS A 246 21.10 -6.13 -11.37
N LEU A 247 20.20 -5.14 -11.31
CA LEU A 247 18.80 -5.36 -11.62
C LEU A 247 18.61 -5.69 -13.09
N LEU A 248 19.35 -4.96 -13.93
CA LEU A 248 19.29 -5.16 -15.37
C LEU A 248 19.66 -6.61 -15.74
N GLU A 249 20.68 -7.13 -15.07
CA GLU A 249 21.07 -8.51 -15.31
C GLU A 249 20.03 -9.46 -14.78
N LEU A 250 19.47 -9.14 -13.61
CA LEU A 250 18.48 -10.00 -12.96
C LEU A 250 17.28 -10.32 -13.83
N ILE A 251 16.84 -9.34 -14.61
CA ILE A 251 15.58 -9.47 -15.33
C ILE A 251 15.72 -9.87 -16.78
N LYS A 252 16.95 -9.98 -17.27
CA LYS A 252 17.19 -10.51 -18.59
C LYS A 252 16.62 -11.93 -18.68
N MET B 1 -15.17 -12.87 30.18
CA MET B 1 -15.10 -11.85 29.15
C MET B 1 -15.93 -12.22 27.93
N ASP B 2 -16.76 -11.30 27.47
CA ASP B 2 -17.54 -11.54 26.27
C ASP B 2 -17.18 -10.58 25.13
N GLU B 3 -17.88 -10.73 24.02
CA GLU B 3 -17.58 -9.98 22.82
C GLU B 3 -17.82 -8.47 22.96
N ARG B 4 -18.66 -8.04 23.90
CA ARG B 4 -18.79 -6.61 24.20
C ARG B 4 -17.65 -6.08 25.06
N ASP B 5 -17.18 -6.89 26.01
CA ASP B 5 -16.04 -6.50 26.82
C ASP B 5 -14.87 -6.29 25.88
N ALA B 6 -14.73 -7.22 24.93
CA ALA B 6 -13.61 -7.22 23.99
C ALA B 6 -13.54 -5.94 23.16
N LEU B 7 -14.66 -5.56 22.54
CA LEU B 7 -14.73 -4.29 21.80
C LEU B 7 -14.31 -3.09 22.66
N ARG B 8 -14.79 -3.05 23.88
CA ARG B 8 -14.45 -1.98 24.81
C ARG B 8 -12.94 -1.94 25.05
N ILE B 9 -12.37 -3.11 25.34
CA ILE B 9 -10.95 -3.22 25.65
C ILE B 9 -10.06 -2.86 24.45
N SER B 10 -10.42 -3.37 23.27
CA SER B 10 -9.70 -3.09 22.04
C SER B 10 -9.70 -1.58 21.67
N ARG B 11 -10.86 -0.94 21.74
CA ARG B 11 -10.97 0.49 21.50
C ARG B 11 -10.05 1.30 22.39
N GLU B 12 -10.03 0.95 23.66
CA GLU B 12 -9.17 1.60 24.63
C GLU B 12 -7.72 1.42 24.20
N ILE B 13 -7.41 0.23 23.71
CA ILE B 13 -6.05 -0.09 23.28
C ILE B 13 -5.67 0.70 22.01
N ALA B 14 -6.58 0.71 21.04
CA ALA B 14 -6.36 1.45 19.82
C ALA B 14 -6.08 2.92 20.16
N GLY B 15 -6.85 3.46 21.08
CA GLY B 15 -6.65 4.85 21.50
C GLY B 15 -5.27 5.11 22.05
N GLU B 16 -4.81 4.22 22.95
CA GLU B 16 -3.52 4.42 23.60
C GLU B 16 -2.34 4.15 22.67
N VAL B 17 -2.48 3.15 21.81
CA VAL B 17 -1.43 2.85 20.87
C VAL B 17 -1.27 4.01 19.89
N ARG B 18 -2.40 4.53 19.41
CA ARG B 18 -2.34 5.71 18.53
C ARG B 18 -1.61 6.88 19.17
N LYS B 19 -2.01 7.25 20.39
CA LYS B 19 -1.32 8.30 21.15
C LYS B 19 0.19 8.06 21.22
N ALA B 20 0.58 6.84 21.58
CA ALA B 20 2.00 6.56 21.75
C ALA B 20 2.80 6.74 20.45
N ILE B 21 2.37 6.05 19.40
CA ILE B 21 3.00 6.15 18.10
C ILE B 21 3.12 7.60 17.62
N ALA B 22 1.99 8.31 17.61
CA ALA B 22 1.92 9.65 17.04
C ALA B 22 2.90 10.64 17.68
N SER B 23 3.13 10.49 18.99
CA SER B 23 4.03 11.38 19.70
C SER B 23 5.49 10.93 19.58
N MET B 24 5.80 10.22 18.49
CA MET B 24 7.15 9.77 18.23
C MET B 24 7.55 10.23 16.83
N PRO B 25 8.75 10.82 16.72
CA PRO B 25 9.30 11.28 15.44
C PRO B 25 9.85 10.10 14.65
N LEU B 26 9.65 10.10 13.34
CA LEU B 26 10.13 9.00 12.49
C LEU B 26 11.56 8.54 12.78
N ARG B 27 12.48 9.51 12.84
CA ARG B 27 13.89 9.22 13.12
C ARG B 27 14.09 8.42 14.40
N GLU B 28 13.19 8.59 15.35
CA GLU B 28 13.31 7.85 16.61
C GLU B 28 12.57 6.52 16.53
N ALA B 29 11.50 6.48 15.75
CA ALA B 29 10.59 5.34 15.69
C ALA B 29 11.18 4.17 14.92
N VAL B 30 11.92 4.50 13.87
CA VAL B 30 12.55 3.53 13.01
C VAL B 30 13.74 2.82 13.67
N LYS B 31 14.23 3.36 14.79
CA LYS B 31 15.40 2.77 15.46
C LYS B 31 15.18 1.37 16.03
N ASP B 32 16.10 0.45 15.71
CA ASP B 32 16.13 -0.86 16.37
C ASP B 32 16.43 -0.70 17.85
N VAL B 33 15.64 -1.33 18.72
CA VAL B 33 15.83 -1.19 20.17
C VAL B 33 16.07 -2.51 20.90
N GLY B 34 15.90 -3.62 20.19
CA GLY B 34 16.07 -4.92 20.81
C GLY B 34 15.62 -6.05 19.91
N MET B 35 15.78 -7.26 20.39
CA MET B 35 15.38 -8.44 19.64
C MET B 35 14.00 -8.86 20.10
N GLY B 36 13.06 -8.97 19.17
CA GLY B 36 11.72 -9.41 19.53
C GLY B 36 11.79 -10.85 19.99
N LYS B 37 10.79 -11.28 20.76
CA LYS B 37 10.67 -12.69 21.11
C LYS B 37 10.29 -13.50 19.87
N ASP B 38 9.87 -12.81 18.82
CA ASP B 38 9.46 -13.49 17.60
C ASP B 38 10.68 -13.90 16.78
N GLY B 39 11.83 -13.30 17.09
CA GLY B 39 13.04 -13.52 16.29
C GLY B 39 13.40 -12.38 15.35
N THR B 40 12.59 -11.32 15.32
CA THR B 40 12.88 -10.14 14.49
C THR B 40 13.08 -8.89 15.34
N PRO B 41 13.93 -7.96 14.86
CA PRO B 41 14.10 -6.76 15.67
C PRO B 41 12.76 -6.15 16.10
N THR B 42 12.80 -5.46 17.23
CA THR B 42 11.70 -4.66 17.72
C THR B 42 12.09 -3.21 17.46
N LYS B 43 11.31 -2.51 16.66
CA LYS B 43 11.56 -1.08 16.49
C LYS B 43 11.02 -0.31 17.70
N ALA B 44 11.55 0.89 17.93
CA ALA B 44 11.04 1.75 18.99
C ALA B 44 9.51 1.92 18.87
N ALA B 45 9.06 2.07 17.63
CA ALA B 45 7.63 2.15 17.37
C ALA B 45 6.87 0.91 17.87
N ASP B 46 7.45 -0.27 17.67
CA ASP B 46 6.84 -1.52 18.12
C ASP B 46 6.78 -1.53 19.63
N ARG B 47 7.84 -1.02 20.25
CA ARG B 47 7.96 -1.06 21.71
C ARG B 47 6.95 -0.15 22.38
N VAL B 48 6.84 1.08 21.89
CA VAL B 48 5.90 2.01 22.51
C VAL B 48 4.45 1.54 22.34
N ALA B 49 4.14 0.98 21.17
CA ALA B 49 2.80 0.47 20.93
C ALA B 49 2.50 -0.72 21.84
N GLU B 50 3.42 -1.68 21.93
CA GLU B 50 3.18 -2.87 22.76
C GLU B 50 3.01 -2.48 24.23
N ASP B 51 3.85 -1.55 24.70
CA ASP B 51 3.74 -1.06 26.08
C ASP B 51 2.37 -0.51 26.42
N ALA B 52 1.84 0.35 25.57
CA ALA B 52 0.51 0.91 25.78
C ALA B 52 -0.57 -0.16 25.80
N ALA B 53 -0.45 -1.15 24.91
CA ALA B 53 -1.44 -2.20 24.82
C ALA B 53 -1.36 -3.11 26.03
N LEU B 54 -0.13 -3.53 26.38
CA LEU B 54 0.09 -4.42 27.51
C LEU B 54 -0.33 -3.78 28.83
N GLU B 55 -0.22 -2.46 28.93
CA GLU B 55 -0.61 -1.74 30.13
C GLU B 55 -2.08 -1.95 30.42
N ILE B 56 -2.87 -2.03 29.36
CA ILE B 56 -4.32 -2.21 29.45
C ILE B 56 -4.69 -3.67 29.63
N LEU B 57 -3.96 -4.56 28.95
CA LEU B 57 -4.27 -5.99 28.94
C LEU B 57 -3.90 -6.72 30.24
N ARG B 58 -2.95 -6.19 31.00
CA ARG B 58 -2.55 -6.82 32.26
CA ARG B 58 -2.55 -6.82 32.26
C ARG B 58 -3.65 -6.70 33.31
N LYS B 59 -4.51 -5.70 33.14
CA LYS B 59 -5.64 -5.50 34.04
C LYS B 59 -6.76 -6.49 33.75
N GLU B 60 -6.50 -7.44 32.85
CA GLU B 60 -7.49 -8.45 32.49
C GLU B 60 -6.95 -9.86 32.75
N ARG B 61 -7.86 -10.81 32.94
CA ARG B 61 -7.49 -12.20 33.16
CA ARG B 61 -7.47 -12.20 33.16
C ARG B 61 -7.32 -12.90 31.81
N VAL B 62 -6.18 -12.66 31.17
CA VAL B 62 -5.93 -13.24 29.85
C VAL B 62 -4.49 -13.73 29.72
N THR B 63 -4.26 -14.60 28.75
CA THR B 63 -2.92 -14.88 28.30
C THR B 63 -2.75 -14.16 26.96
N VAL B 64 -1.67 -13.40 26.84
CA VAL B 64 -1.40 -12.62 25.66
C VAL B 64 -0.22 -13.20 24.89
N VAL B 65 -0.45 -13.47 23.61
CA VAL B 65 0.62 -13.86 22.71
C VAL B 65 0.92 -12.67 21.80
N THR B 66 1.98 -11.95 22.12
CA THR B 66 2.27 -10.72 21.41
C THR B 66 3.66 -10.75 20.78
N GLU B 67 3.78 -10.09 19.63
CA GLU B 67 4.98 -10.19 18.80
C GLU B 67 6.33 -9.87 19.46
N GLU B 68 6.45 -8.73 20.12
CA GLU B 68 7.76 -8.37 20.65
C GLU B 68 8.11 -9.06 21.98
N SER B 69 7.11 -9.35 22.80
CA SER B 69 7.36 -9.87 24.15
C SER B 69 6.91 -11.31 24.38
N GLY B 70 6.39 -11.96 23.36
CA GLY B 70 6.06 -13.36 23.48
C GLY B 70 4.82 -13.63 24.31
N VAL B 71 4.85 -14.72 25.09
CA VAL B 71 3.68 -15.15 25.84
C VAL B 71 3.70 -14.55 27.26
N LEU B 72 2.59 -13.94 27.67
CA LEU B 72 2.49 -13.25 28.95
C LEU B 72 1.13 -13.49 29.59
N GLY B 73 1.13 -13.68 30.91
CA GLY B 73 -0.13 -13.77 31.63
C GLY B 73 -0.60 -15.20 31.80
N GLU B 74 -1.71 -15.38 32.51
CA GLU B 74 -2.09 -16.71 32.95
C GLU B 74 -3.52 -17.10 32.55
N GLY B 75 -4.33 -16.11 32.19
CA GLY B 75 -5.76 -16.32 31.97
C GLY B 75 -6.16 -17.38 30.97
N ASP B 76 -7.45 -17.72 30.94
CA ASP B 76 -7.95 -18.75 30.04
C ASP B 76 -8.42 -18.19 28.72
N VAL B 77 -8.71 -16.90 28.69
CA VAL B 77 -8.93 -16.19 27.44
C VAL B 77 -7.58 -15.86 26.83
N PHE B 78 -7.43 -16.16 25.54
CA PHE B 78 -6.17 -15.97 24.86
C PHE B 78 -6.24 -14.80 23.86
N VAL B 79 -5.26 -13.91 23.92
CA VAL B 79 -5.28 -12.75 23.02
C VAL B 79 -4.05 -12.69 22.12
N ALA B 80 -4.27 -12.87 20.81
CA ALA B 80 -3.17 -12.69 19.86
C ALA B 80 -3.04 -11.21 19.52
N LEU B 81 -1.94 -10.62 19.95
CA LEU B 81 -1.74 -9.19 19.74
C LEU B 81 -0.56 -8.87 18.83
N ASP B 82 -0.86 -8.21 17.70
CA ASP B 82 0.17 -7.52 16.95
C ASP B 82 0.06 -6.03 17.25
N PRO B 83 0.96 -5.55 18.13
CA PRO B 83 0.90 -4.18 18.66
C PRO B 83 1.08 -3.17 17.53
N LEU B 84 1.83 -3.57 16.51
CA LEU B 84 2.04 -2.75 15.34
C LEU B 84 2.38 -3.64 14.16
N ASP B 85 1.39 -3.89 13.32
CA ASP B 85 1.58 -4.65 12.09
C ASP B 85 1.74 -3.70 10.89
N GLY B 86 2.82 -3.87 10.14
CA GLY B 86 3.18 -2.93 9.10
C GLY B 86 4.21 -1.91 9.59
N THR B 87 5.04 -2.34 10.52
CA THR B 87 6.05 -1.48 11.13
C THR B 87 6.98 -0.81 10.11
N PHE B 88 7.36 -1.58 9.09
CA PHE B 88 8.13 -1.04 7.97
C PHE B 88 7.45 0.15 7.31
N ASN B 89 6.15 0.01 7.05
CA ASN B 89 5.37 1.13 6.53
C ASN B 89 5.40 2.29 7.51
N ALA B 90 5.05 1.99 8.76
CA ALA B 90 4.99 2.99 9.81
C ALA B 90 6.29 3.81 9.87
N THR B 91 7.43 3.12 9.81
CA THR B 91 8.68 3.84 9.95
C THR B 91 9.04 4.67 8.72
N ARG B 92 8.40 4.40 7.57
CA ARG B 92 8.62 5.15 6.34
C ARG B 92 7.56 6.24 6.11
N GLY B 93 6.68 6.47 7.07
CA GLY B 93 5.57 7.37 6.86
C GLY B 93 4.52 6.91 5.84
N ILE B 94 4.50 5.62 5.54
CA ILE B 94 3.53 5.03 4.63
C ILE B 94 2.29 4.52 5.38
N PRO B 95 1.12 5.11 5.10
CA PRO B 95 -0.06 5.03 5.95
C PRO B 95 -0.86 3.71 5.85
N VAL B 96 -0.20 2.58 5.98
CA VAL B 96 -0.89 1.31 6.07
C VAL B 96 -0.28 0.49 7.19
N TYR B 97 -0.84 0.63 8.39
CA TYR B 97 -0.39 -0.15 9.54
C TYR B 97 -1.46 -0.05 10.63
N SER B 98 -1.52 -1.08 11.46
CA SER B 98 -2.64 -1.26 12.35
C SER B 98 -2.22 -1.96 13.63
N VAL B 99 -3.02 -1.82 14.67
CA VAL B 99 -2.88 -2.70 15.81
C VAL B 99 -3.92 -3.82 15.67
N SER B 100 -3.49 -5.06 15.87
CA SER B 100 -4.36 -6.20 15.62
C SER B 100 -4.58 -7.00 16.89
N LEU B 101 -5.84 -7.33 17.15
CA LEU B 101 -6.21 -8.11 18.33
C LEU B 101 -7.22 -9.18 17.98
N CYS B 102 -6.90 -10.43 18.31
CA CYS B 102 -7.87 -11.52 18.26
C CYS B 102 -8.00 -12.14 19.66
N PHE B 103 -9.25 -12.35 20.11
CA PHE B 103 -9.53 -12.91 21.43
C PHE B 103 -10.05 -14.33 21.27
N SER B 104 -9.59 -15.23 22.12
CA SER B 104 -10.04 -16.61 22.03
C SER B 104 -10.28 -17.27 23.39
N TYR B 105 -11.23 -18.21 23.40
CA TYR B 105 -11.64 -18.93 24.60
C TYR B 105 -10.77 -20.15 24.87
N SER B 106 -9.67 -20.25 24.13
CA SER B 106 -8.69 -21.32 24.28
C SER B 106 -7.51 -20.92 23.42
N ASP B 107 -6.41 -21.66 23.48
CA ASP B 107 -5.21 -21.32 22.72
C ASP B 107 -5.27 -21.71 21.22
N LYS B 108 -6.46 -22.01 20.72
CA LYS B 108 -6.62 -22.38 19.32
C LYS B 108 -7.56 -21.43 18.60
N LEU B 109 -7.29 -21.17 17.33
CA LEU B 109 -8.01 -20.15 16.60
C LEU B 109 -9.50 -20.42 16.50
N LYS B 110 -9.89 -21.69 16.53
CA LYS B 110 -11.30 -22.08 16.34
C LYS B 110 -12.20 -21.62 17.47
N ASP B 111 -11.61 -21.16 18.57
CA ASP B 111 -12.38 -20.66 19.70
C ASP B 111 -12.36 -19.13 19.81
N ALA B 112 -12.03 -18.47 18.70
CA ALA B 112 -11.98 -17.02 18.65
C ALA B 112 -13.38 -16.44 18.83
N PHE B 113 -13.51 -15.37 19.60
CA PHE B 113 -14.84 -14.74 19.76
C PHE B 113 -14.90 -13.26 19.38
N PHE B 114 -13.74 -12.67 19.15
CA PHE B 114 -13.64 -11.27 18.76
C PHE B 114 -12.37 -11.00 17.95
N GLY B 115 -12.53 -10.27 16.85
CA GLY B 115 -11.42 -9.87 16.01
C GLY B 115 -11.45 -8.37 15.83
N TYR B 116 -10.28 -7.74 15.79
CA TYR B 116 -10.18 -6.29 15.83
C TYR B 116 -8.90 -5.74 15.17
N VAL B 117 -9.10 -4.88 14.19
CA VAL B 117 -8.00 -4.25 13.48
C VAL B 117 -8.26 -2.75 13.36
N TYR B 118 -7.39 -1.96 13.97
CA TYR B 118 -7.50 -0.52 13.91
C TYR B 118 -6.31 0.05 13.14
N ASN B 119 -6.62 0.68 12.01
CA ASN B 119 -5.59 1.35 11.22
C ASN B 119 -5.08 2.59 11.93
N LEU B 120 -3.83 2.55 12.36
CA LEU B 120 -3.26 3.63 13.16
C LEU B 120 -2.93 4.89 12.36
N ALA B 121 -3.04 4.82 11.04
CA ALA B 121 -2.70 5.94 10.18
C ALA B 121 -3.95 6.68 9.73
N THR B 122 -5.00 5.93 9.40
CA THR B 122 -6.25 6.49 8.92
C THR B 122 -7.36 6.53 9.97
N GLY B 123 -7.24 5.75 11.03
CA GLY B 123 -8.28 5.69 12.03
C GLY B 123 -9.47 4.80 11.68
N ASP B 124 -9.40 4.08 10.55
CA ASP B 124 -10.46 3.12 10.24
C ASP B 124 -10.51 1.98 11.26
N GLU B 125 -11.70 1.62 11.69
CA GLU B 125 -11.85 0.57 12.67
C GLU B 125 -12.56 -0.63 12.08
N TYR B 126 -11.89 -1.77 12.07
CA TYR B 126 -12.54 -3.03 11.71
C TYR B 126 -12.68 -3.96 12.92
N TYR B 127 -13.86 -4.52 13.10
CA TYR B 127 -14.04 -5.57 14.08
C TYR B 127 -15.15 -6.51 13.65
N ALA B 128 -15.16 -7.69 14.25
CA ALA B 128 -16.22 -8.64 13.97
C ALA B 128 -16.58 -9.39 15.25
N ASP B 129 -17.87 -9.61 15.45
CA ASP B 129 -18.35 -10.45 16.56
C ASP B 129 -19.52 -11.29 16.08
N SER B 130 -20.30 -11.82 17.01
CA SER B 130 -21.39 -12.72 16.65
C SER B 130 -22.41 -12.03 15.76
N SER B 131 -22.47 -10.70 15.82
CA SER B 131 -23.41 -9.95 15.00
C SER B 131 -22.93 -9.72 13.56
N GLY B 132 -21.64 -9.94 13.31
CA GLY B 132 -21.09 -9.72 11.98
C GLY B 132 -19.83 -8.88 11.91
N ALA B 133 -19.51 -8.38 10.73
CA ALA B 133 -18.27 -7.62 10.52
C ALA B 133 -18.54 -6.14 10.22
N TYR B 134 -17.73 -5.27 10.83
CA TYR B 134 -17.93 -3.83 10.71
C TYR B 134 -16.68 -3.05 10.29
N ARG B 135 -16.86 -2.10 9.38
CA ARG B 135 -15.87 -1.06 9.11
C ARG B 135 -16.45 0.26 9.57
N ASN B 136 -15.83 0.86 10.57
CA ASN B 136 -16.26 2.13 11.12
C ASN B 136 -17.73 2.14 11.49
N GLY B 137 -18.16 1.08 12.19
CA GLY B 137 -19.54 0.96 12.61
C GLY B 137 -20.51 0.44 11.56
N GLU B 138 -20.09 0.31 10.31
CA GLU B 138 -20.97 -0.20 9.27
CA GLU B 138 -20.98 -0.19 9.27
C GLU B 138 -20.69 -1.64 8.88
N ARG B 139 -21.74 -2.43 8.75
CA ARG B 139 -21.65 -3.81 8.30
C ARG B 139 -20.96 -3.96 6.95
N ILE B 140 -20.05 -4.92 6.86
CA ILE B 140 -19.30 -5.17 5.63
C ILE B 140 -19.46 -6.61 5.24
N GLU B 141 -19.13 -6.93 4.00
CA GLU B 141 -19.09 -8.30 3.58
C GLU B 141 -18.17 -8.46 2.37
N VAL B 142 -17.72 -9.68 2.14
CA VAL B 142 -16.79 -9.93 1.04
C VAL B 142 -17.49 -9.80 -0.31
N SER B 143 -16.71 -9.66 -1.37
CA SER B 143 -17.24 -9.47 -2.72
C SER B 143 -17.80 -10.76 -3.30
N ASP B 144 -18.54 -10.63 -4.41
CA ASP B 144 -19.21 -11.76 -5.05
C ASP B 144 -18.46 -12.29 -6.26
N ALA B 145 -17.24 -11.79 -6.46
CA ALA B 145 -16.43 -12.13 -7.64
C ALA B 145 -16.21 -13.62 -7.81
N GLU B 146 -16.44 -14.10 -9.02
CA GLU B 146 -16.34 -15.52 -9.31
C GLU B 146 -15.15 -15.86 -10.18
N GLU B 147 -14.50 -14.83 -10.69
CA GLU B 147 -13.47 -15.07 -11.70
C GLU B 147 -12.10 -14.86 -11.12
N LEU B 148 -11.17 -15.65 -11.64
CA LEU B 148 -9.77 -15.48 -11.32
C LEU B 148 -9.27 -14.12 -11.82
N TYR B 149 -9.92 -13.56 -12.84
CA TYR B 149 -9.61 -12.21 -13.28
C TYR B 149 -10.19 -11.20 -12.29
N CYS B 150 -9.56 -11.06 -11.14
CA CYS B 150 -10.10 -10.27 -10.05
C CYS B 150 -9.00 -9.44 -9.36
N ASN B 151 -9.40 -8.75 -8.29
CA ASN B 151 -8.51 -7.90 -7.52
C ASN B 151 -7.91 -8.67 -6.36
N ALA B 152 -6.61 -8.90 -6.42
CA ALA B 152 -5.94 -9.78 -5.48
C ALA B 152 -4.87 -9.11 -4.61
N ILE B 153 -4.86 -9.45 -3.34
CA ILE B 153 -3.69 -9.19 -2.51
C ILE B 153 -2.97 -10.52 -2.35
N ILE B 154 -1.70 -10.56 -2.77
CA ILE B 154 -0.98 -11.81 -2.82
C ILE B 154 0.51 -11.72 -2.42
N TYR B 155 0.89 -12.47 -1.40
CA TYR B 155 2.29 -12.68 -1.06
C TYR B 155 2.67 -14.11 -1.47
N TYR B 156 3.61 -14.28 -2.40
CA TYR B 156 4.13 -13.26 -3.29
C TYR B 156 3.87 -13.86 -4.65
N PRO B 157 3.64 -13.02 -5.67
CA PRO B 157 3.50 -13.56 -7.03
C PRO B 157 4.82 -14.20 -7.47
N ASP B 158 4.86 -15.53 -7.64
CA ASP B 158 6.11 -16.21 -8.00
C ASP B 158 6.07 -16.75 -9.43
N ARG B 159 5.01 -16.38 -10.13
CA ARG B 159 4.79 -16.83 -11.49
CA ARG B 159 4.84 -16.78 -11.52
C ARG B 159 3.79 -15.87 -12.16
N LYS B 160 3.42 -16.18 -13.39
CA LYS B 160 2.38 -15.40 -14.06
CA LYS B 160 2.38 -15.41 -14.08
C LYS B 160 1.00 -15.88 -13.61
N PHE B 161 0.15 -14.91 -13.29
CA PHE B 161 -1.17 -15.17 -12.73
C PHE B 161 -2.29 -14.55 -13.58
N PRO B 162 -3.55 -14.93 -13.33
CA PRO B 162 -4.64 -14.36 -14.15
C PRO B 162 -5.32 -13.11 -13.58
N PHE B 163 -4.84 -12.57 -12.46
CA PHE B 163 -5.57 -11.49 -11.77
C PHE B 163 -5.68 -10.19 -12.56
N LYS B 164 -6.77 -9.48 -12.31
CA LYS B 164 -6.98 -8.14 -12.88
C LYS B 164 -5.90 -7.23 -12.33
N ARG B 165 -5.73 -7.24 -11.01
CA ARG B 165 -4.70 -6.50 -10.32
C ARG B 165 -4.09 -7.30 -9.18
N MET B 166 -2.85 -6.99 -8.88
CA MET B 166 -2.20 -7.54 -7.71
C MET B 166 -1.69 -6.39 -6.84
N ARG B 167 -1.84 -6.53 -5.53
CA ARG B 167 -1.33 -5.55 -4.58
C ARG B 167 -0.61 -6.20 -3.43
N ILE B 168 0.42 -5.52 -2.91
CA ILE B 168 1.02 -5.91 -1.65
C ILE B 168 1.33 -4.68 -0.83
N PHE B 169 0.60 -4.50 0.27
CA PHE B 169 0.71 -3.29 1.05
C PHE B 169 1.64 -3.38 2.24
N GLY B 170 1.92 -4.60 2.71
CA GLY B 170 2.87 -4.77 3.81
C GLY B 170 2.28 -4.87 5.21
N SER B 171 0.97 -5.15 5.30
CA SER B 171 0.32 -5.37 6.58
C SER B 171 -0.89 -6.30 6.45
N ALA B 172 -0.66 -7.59 6.69
CA ALA B 172 -1.70 -8.62 6.54
C ALA B 172 -2.96 -8.37 7.37
N ALA B 173 -2.79 -7.88 8.60
CA ALA B 173 -3.94 -7.59 9.42
C ALA B 173 -4.88 -6.65 8.68
N THR B 174 -4.32 -5.58 8.12
CA THR B 174 -5.11 -4.58 7.44
C THR B 174 -5.59 -5.08 6.09
N GLU B 175 -4.73 -5.86 5.43
CA GLU B 175 -5.06 -6.36 4.12
C GLU B 175 -6.16 -7.44 4.16
N LEU B 176 -6.18 -8.26 5.21
CA LEU B 176 -7.29 -9.17 5.45
C LEU B 176 -8.62 -8.43 5.59
N CYS B 177 -8.56 -7.20 6.11
CA CYS B 177 -9.77 -6.40 6.23
C CYS B 177 -10.16 -5.78 4.90
N PHE B 178 -9.16 -5.48 4.06
CA PHE B 178 -9.41 -4.99 2.71
C PHE B 178 -10.20 -6.04 1.94
N PHE B 179 -9.91 -7.30 2.26
CA PHE B 179 -10.65 -8.43 1.73
C PHE B 179 -12.02 -8.58 2.42
N ALA B 180 -12.04 -8.43 3.74
CA ALA B 180 -13.27 -8.52 4.51
C ALA B 180 -14.35 -7.54 4.02
N ASP B 181 -13.96 -6.31 3.69
CA ASP B 181 -14.97 -5.33 3.24
C ASP B 181 -15.24 -5.33 1.74
N GLY B 182 -14.49 -6.14 0.99
CA GLY B 182 -14.78 -6.31 -0.42
C GLY B 182 -13.91 -5.46 -1.34
N SER B 183 -13.07 -4.61 -0.75
CA SER B 183 -12.14 -3.80 -1.52
C SER B 183 -11.29 -4.65 -2.47
N PHE B 184 -10.89 -5.82 -2.00
CA PHE B 184 -10.19 -6.76 -2.84
C PHE B 184 -10.97 -8.08 -2.85
N ASP B 185 -10.82 -8.83 -3.93
CA ASP B 185 -11.63 -10.03 -4.13
C ASP B 185 -11.07 -11.26 -3.38
N CYS B 186 -9.79 -11.20 -3.04
CA CYS B 186 -9.16 -12.32 -2.37
C CYS B 186 -7.86 -11.93 -1.68
N PHE B 187 -7.45 -12.74 -0.71
CA PHE B 187 -6.16 -12.54 -0.05
C PHE B 187 -5.40 -13.85 -0.03
N LEU B 188 -4.10 -13.78 -0.31
CA LEU B 188 -3.27 -14.98 -0.42
C LEU B 188 -1.87 -14.76 0.15
N ASP B 189 -1.53 -15.48 1.21
CA ASP B 189 -0.13 -15.60 1.55
C ASP B 189 0.29 -17.03 1.29
N ILE B 190 0.99 -17.21 0.18
CA ILE B 190 1.43 -18.53 -0.23
C ILE B 190 2.95 -18.67 -0.18
N ARG B 191 3.60 -17.82 0.61
CA ARG B 191 5.04 -17.84 0.75
C ARG B 191 5.51 -19.18 1.32
N PRO B 192 6.40 -19.86 0.59
CA PRO B 192 6.88 -21.22 0.94
C PRO B 192 7.44 -21.33 2.36
N GLY B 193 7.94 -20.25 2.93
CA GLY B 193 8.45 -20.31 4.29
C GLY B 193 7.42 -20.37 5.42
N LYS B 194 6.14 -20.21 5.09
CA LYS B 194 5.10 -19.91 6.08
C LYS B 194 5.56 -18.81 7.01
N MET B 195 5.51 -17.55 6.57
CA MET B 195 6.04 -16.45 7.37
C MET B 195 5.05 -15.84 8.36
N LEU B 196 3.75 -15.89 8.02
CA LEU B 196 2.70 -15.28 8.86
C LEU B 196 2.67 -15.86 10.27
N ARG B 197 2.67 -14.98 11.28
CA ARG B 197 2.60 -15.41 12.66
C ARG B 197 1.14 -15.33 13.12
N ILE B 198 0.81 -15.92 14.26
CA ILE B 198 -0.59 -15.95 14.69
C ILE B 198 -1.19 -14.54 14.86
N TYR B 199 -0.42 -13.62 15.44
CA TYR B 199 -0.90 -12.26 15.70
C TYR B 199 -1.06 -11.43 14.42
N ASP B 200 -0.33 -11.79 13.38
CA ASP B 200 -0.47 -11.14 12.07
C ASP B 200 -1.86 -11.33 11.50
N ALA B 201 -2.43 -12.52 11.68
CA ALA B 201 -3.55 -12.91 10.83
C ALA B 201 -4.85 -13.25 11.56
N ALA B 202 -4.75 -13.63 12.83
CA ALA B 202 -5.89 -14.11 13.62
C ALA B 202 -7.11 -13.21 13.55
N ALA B 203 -6.93 -11.94 13.92
CA ALA B 203 -8.00 -10.95 13.82
C ALA B 203 -8.58 -10.86 12.41
N GLY B 204 -7.71 -10.65 11.43
CA GLY B 204 -8.15 -10.47 10.07
C GLY B 204 -8.93 -11.66 9.53
N VAL B 205 -8.46 -12.86 9.89
CA VAL B 205 -9.14 -14.08 9.49
C VAL B 205 -10.53 -14.13 10.10
N PHE B 206 -10.60 -13.81 11.39
CA PHE B 206 -11.85 -13.82 12.09
C PHE B 206 -12.83 -12.84 11.45
N ILE B 207 -12.38 -11.60 11.24
CA ILE B 207 -13.20 -10.59 10.59
C ILE B 207 -13.63 -11.02 9.19
N ALA B 208 -12.68 -11.52 8.40
CA ALA B 208 -13.00 -11.95 7.05
C ALA B 208 -14.04 -13.09 6.99
N GLU B 209 -14.03 -13.94 8.01
CA GLU B 209 -14.98 -15.04 8.03
C GLU B 209 -16.36 -14.49 8.33
N LYS B 210 -16.45 -13.69 9.38
CA LYS B 210 -17.70 -13.02 9.72
C LYS B 210 -18.25 -12.23 8.54
N ALA B 211 -17.36 -11.75 7.69
CA ALA B 211 -17.76 -10.97 6.52
C ALA B 211 -18.17 -11.86 5.37
N GLY B 212 -18.10 -13.18 5.58
CA GLY B 212 -18.56 -14.13 4.58
C GLY B 212 -17.49 -14.84 3.78
N GLY B 213 -16.23 -14.54 4.07
CA GLY B 213 -15.15 -15.14 3.32
C GLY B 213 -14.86 -16.57 3.74
N LYS B 214 -14.44 -17.37 2.78
CA LYS B 214 -13.87 -18.68 3.09
C LYS B 214 -12.36 -18.52 3.24
N VAL B 215 -11.84 -18.94 4.40
CA VAL B 215 -10.44 -18.73 4.71
C VAL B 215 -9.74 -19.99 5.24
N THR B 216 -8.71 -20.45 4.52
CA THR B 216 -8.03 -21.70 4.85
C THR B 216 -6.52 -21.63 4.72
N GLU B 217 -5.87 -22.75 5.00
CA GLU B 217 -4.47 -22.96 4.68
C GLU B 217 -4.34 -23.30 3.20
N LEU B 218 -3.11 -23.57 2.74
CA LEU B 218 -2.86 -23.79 1.31
C LEU B 218 -3.67 -24.90 0.66
N ASP B 219 -3.85 -26.00 1.38
CA ASP B 219 -4.52 -27.18 0.83
C ASP B 219 -6.02 -27.09 1.04
N GLY B 220 -6.46 -26.02 1.69
CA GLY B 220 -7.87 -25.84 1.96
C GLY B 220 -8.27 -26.39 3.31
N GLU B 221 -7.32 -26.81 4.11
CA GLU B 221 -7.66 -27.28 5.45
CA GLU B 221 -7.61 -27.27 5.47
C GLU B 221 -8.05 -26.10 6.35
N SER B 222 -8.89 -26.38 7.33
CA SER B 222 -9.30 -25.36 8.27
C SER B 222 -8.12 -24.75 9.00
N LEU B 223 -8.30 -23.49 9.42
CA LEU B 223 -7.33 -22.80 10.25
C LEU B 223 -7.63 -23.02 11.73
N GLY B 224 -8.68 -23.79 12.01
CA GLY B 224 -9.18 -23.99 13.37
C GLY B 224 -8.18 -24.37 14.44
N ASN B 225 -7.22 -25.21 14.09
CA ASN B 225 -6.22 -25.68 15.06
C ASN B 225 -4.96 -24.85 15.13
N LYS B 226 -4.92 -23.73 14.41
CA LYS B 226 -3.81 -22.81 14.51
C LYS B 226 -3.74 -22.32 15.95
N LYS B 227 -2.56 -22.41 16.52
CA LYS B 227 -2.36 -22.15 17.93
C LYS B 227 -1.93 -20.71 18.19
N PHE B 228 -2.29 -20.22 19.36
CA PHE B 228 -1.87 -18.92 19.81
C PHE B 228 -0.54 -19.08 20.52
N ASP B 229 0.52 -19.33 19.78
CA ASP B 229 1.86 -19.38 20.37
C ASP B 229 2.89 -18.83 19.40
N MET B 230 4.09 -18.53 19.89
CA MET B 230 5.11 -17.89 19.05
C MET B 230 5.57 -18.77 17.88
N GLN B 231 5.34 -20.07 17.98
CA GLN B 231 5.83 -21.02 16.97
C GLN B 231 4.89 -21.16 15.79
N GLU B 232 3.64 -20.75 15.96
CA GLU B 232 2.66 -20.95 14.90
C GLU B 232 3.00 -20.15 13.62
N ARG B 233 2.73 -20.74 12.47
CA ARG B 233 2.99 -20.09 11.21
C ARG B 233 1.84 -20.39 10.26
N LEU B 234 1.59 -19.47 9.33
CA LEU B 234 0.42 -19.60 8.48
C LEU B 234 0.63 -19.27 7.00
N ASN B 235 0.04 -20.10 6.15
CA ASN B 235 -0.27 -19.71 4.79
C ASN B 235 -1.78 -19.55 4.72
N ILE B 236 -2.24 -18.64 3.85
CA ILE B 236 -3.66 -18.31 3.80
CA ILE B 236 -3.66 -18.32 3.80
C ILE B 236 -4.20 -18.18 2.39
N VAL B 237 -5.33 -18.81 2.13
CA VAL B 237 -6.10 -18.57 0.92
C VAL B 237 -7.50 -18.10 1.35
N ALA B 238 -7.80 -16.81 1.12
CA ALA B 238 -9.13 -16.29 1.44
C ALA B 238 -9.87 -15.78 0.20
N ALA B 239 -11.15 -16.16 0.08
CA ALA B 239 -12.02 -15.67 -1.00
C ALA B 239 -13.46 -16.01 -0.64
N ASN B 240 -14.43 -15.47 -1.38
CA ASN B 240 -15.80 -15.95 -1.22
C ASN B 240 -15.84 -17.43 -1.63
N GLU B 241 -16.85 -18.15 -1.16
CA GLU B 241 -16.95 -19.59 -1.38
CA GLU B 241 -16.90 -19.60 -1.37
C GLU B 241 -16.88 -20.01 -2.85
N LYS B 242 -17.31 -19.13 -3.74
CA LYS B 242 -17.28 -19.45 -5.15
C LYS B 242 -15.89 -19.27 -5.77
N LEU B 243 -15.23 -18.17 -5.45
CA LEU B 243 -13.88 -17.93 -5.95
C LEU B 243 -12.86 -18.87 -5.31
N HIS B 244 -13.06 -19.21 -4.04
CA HIS B 244 -12.06 -19.94 -3.26
C HIS B 244 -11.47 -21.22 -3.90
N PRO B 245 -12.34 -22.15 -4.35
CA PRO B 245 -11.74 -23.37 -4.90
C PRO B 245 -11.03 -23.13 -6.21
N LYS B 246 -11.42 -22.09 -6.94
CA LYS B 246 -10.68 -21.78 -8.16
C LYS B 246 -9.24 -21.39 -7.81
N LEU B 247 -9.07 -20.67 -6.71
CA LEU B 247 -7.76 -20.25 -6.24
C LEU B 247 -6.92 -21.44 -5.82
N LEU B 248 -7.54 -22.36 -5.08
CA LEU B 248 -6.85 -23.58 -4.64
C LEU B 248 -6.25 -24.32 -5.83
N GLU B 249 -7.05 -24.49 -6.88
CA GLU B 249 -6.57 -25.12 -8.09
C GLU B 249 -5.44 -24.35 -8.77
N LEU B 250 -5.60 -23.03 -8.88
CA LEU B 250 -4.59 -22.15 -9.48
C LEU B 250 -3.19 -22.31 -8.88
N ILE B 251 -3.11 -22.54 -7.58
CA ILE B 251 -1.81 -22.59 -6.93
C ILE B 251 -1.30 -24.02 -6.76
N LYS B 252 -2.12 -24.99 -7.17
CA LYS B 252 -1.76 -26.40 -7.11
C LYS B 252 -0.73 -26.75 -8.19
#